data_6QR4
#
_entry.id   6QR4
#
_cell.length_a   74.790
_cell.length_b   77.652
_cell.length_c   86.845
_cell.angle_alpha   90.000
_cell.angle_beta   90.000
_cell.angle_gamma   90.000
#
_symmetry.space_group_name_H-M   'P 21 21 21'
#
loop_
_entity.id
_entity.type
_entity.pdbx_description
1 polymer 'tRNA (guanine-N(1)-)-methyltransferase'
2 non-polymer 5-azanyl-3-[1-[[(2~{R})-1-methylpiperidin-2-yl]methyl]indol-6-yl]-1~{H}-pyrazole-4-carbonitrile
3 water water
#
_entity_poly.entity_id   1
_entity_poly.type   'polypeptide(L)'
_entity_poly.pdbx_seq_one_letter_code
;GSMKIDVVTIFPEYLQPVRQSLPGKAIDAGLVDVAVHDLRRWTHDVHKSVDDSPYGGGPGMVMKPTVWGDALDEICTSET
LLVVPTPAGYPFTQETAWQWSTEDHLVIACGRYEGIDQRVADDAATRMRVREVSIGDYVLNGGEAAALVIIEAVLRLVPG
VLGNALSAQEDSHSEGMASLLEGPSYTRPPSWRGMDVPPVLLSGDHAKIAAWRAEQSRQRTIERRPDLLGFDSPTGEHGG
DGLS
;
_entity_poly.pdbx_strand_id   A,B
#
# COMPACT_ATOMS: atom_id res chain seq x y z
N GLY A 1 -21.73 -8.00 -0.53
CA GLY A 1 -22.54 -6.81 -0.68
C GLY A 1 -22.21 -6.06 -1.95
N SER A 2 -23.07 -5.10 -2.33
CA SER A 2 -22.84 -4.31 -3.53
C SER A 2 -22.13 -3.00 -3.21
N MET A 3 -20.89 -2.87 -3.67
CA MET A 3 -20.16 -1.62 -3.47
C MET A 3 -19.75 -1.01 -4.80
N LYS A 4 -19.94 0.30 -4.92
CA LYS A 4 -19.41 1.06 -6.03
C LYS A 4 -18.20 1.84 -5.54
N ILE A 5 -17.10 1.77 -6.27
CA ILE A 5 -15.93 2.61 -5.97
C ILE A 5 -15.63 3.48 -7.18
N ASP A 6 -15.59 4.79 -6.98
CA ASP A 6 -15.14 5.71 -8.01
C ASP A 6 -13.78 6.24 -7.58
N VAL A 7 -12.82 6.21 -8.49
CA VAL A 7 -11.49 6.77 -8.22
C VAL A 7 -11.24 7.94 -9.16
N VAL A 8 -10.81 9.07 -8.61
CA VAL A 8 -10.51 10.23 -9.42
C VAL A 8 -9.01 10.52 -9.35
N THR A 9 -8.39 10.69 -10.51
CA THR A 9 -6.94 10.76 -10.59
C THR A 9 -6.51 11.40 -11.90
N ILE A 10 -5.35 12.06 -11.94
CA ILE A 10 -4.81 12.50 -13.22
C ILE A 10 -4.01 11.40 -13.92
N PHE A 11 -3.91 10.23 -13.28
CA PHE A 11 -3.25 9.08 -13.89
C PHE A 11 -4.16 7.86 -13.87
N PRO A 12 -5.26 7.89 -14.64
CA PRO A 12 -6.21 6.78 -14.60
C PRO A 12 -5.60 5.45 -14.98
N GLU A 13 -4.60 5.47 -15.85
CA GLU A 13 -3.96 4.24 -16.27
C GLU A 13 -3.33 3.51 -15.08
N TYR A 14 -2.98 4.25 -14.03
CA TYR A 14 -2.36 3.64 -12.85
C TYR A 14 -3.33 2.69 -12.13
N LEU A 15 -4.63 2.87 -12.34
CA LEU A 15 -5.64 2.10 -11.60
C LEU A 15 -6.18 0.89 -12.35
N GLN A 16 -5.88 0.77 -13.64
CA GLN A 16 -6.40 -0.35 -14.43
C GLN A 16 -6.01 -1.73 -13.87
N PRO A 17 -4.87 -1.84 -13.17
CA PRO A 17 -4.55 -2.95 -12.26
C PRO A 17 -5.77 -3.49 -11.51
N VAL A 18 -6.41 -2.62 -10.74
CA VAL A 18 -7.54 -2.98 -9.91
C VAL A 18 -8.69 -3.57 -10.73
N ARG A 19 -9.05 -2.90 -11.82
CA ARG A 19 -10.16 -3.33 -12.67
C ARG A 19 -9.91 -4.72 -13.25
N GLN A 20 -8.64 -5.03 -13.48
CA GLN A 20 -8.24 -6.34 -14.01
C GLN A 20 -8.30 -7.42 -12.93
N SER A 21 -7.94 -7.07 -11.70
CA SER A 21 -7.87 -8.05 -10.63
C SER A 21 -9.25 -8.48 -10.12
N LEU A 22 -10.30 -7.81 -10.60
CA LEU A 22 -11.66 -8.11 -10.16
C LEU A 22 -12.23 -9.36 -10.85
N PRO A 23 -12.74 -10.31 -10.05
CA PRO A 23 -13.35 -11.54 -10.57
C PRO A 23 -14.63 -11.25 -11.36
N GLY A 24 -14.78 -11.89 -12.51
CA GLY A 24 -15.96 -11.69 -13.35
C GLY A 24 -17.25 -12.04 -12.63
N LYS A 25 -17.19 -13.07 -11.78
CA LYS A 25 -18.35 -13.53 -11.04
C LYS A 25 -18.90 -12.44 -10.12
N ALA A 26 -18.01 -11.68 -9.49
CA ALA A 26 -18.43 -10.62 -8.59
C ALA A 26 -19.04 -9.45 -9.36
N ILE A 27 -18.45 -9.13 -10.52
CA ILE A 27 -18.98 -8.06 -11.36
C ILE A 27 -20.34 -8.44 -11.94
N ASP A 28 -20.43 -9.66 -12.47
CA ASP A 28 -21.68 -10.16 -13.05
C ASP A 28 -22.80 -10.23 -12.03
N ALA A 29 -22.47 -10.56 -10.79
CA ALA A 29 -23.45 -10.62 -9.72
C ALA A 29 -23.77 -9.24 -9.16
N GLY A 30 -23.12 -8.21 -9.70
CA GLY A 30 -23.38 -6.85 -9.25
C GLY A 30 -22.95 -6.60 -7.82
N LEU A 31 -21.89 -7.28 -7.41
CA LEU A 31 -21.36 -7.15 -6.05
C LEU A 31 -20.39 -5.98 -5.96
N VAL A 32 -19.76 -5.67 -7.08
CA VAL A 32 -18.73 -4.64 -7.09
C VAL A 32 -18.65 -3.96 -8.43
N ASP A 33 -18.42 -2.66 -8.41
CA ASP A 33 -18.14 -1.90 -9.61
C ASP A 33 -17.07 -0.86 -9.26
N VAL A 34 -15.95 -0.92 -9.97
CA VAL A 34 -14.90 0.09 -9.82
C VAL A 34 -14.83 0.91 -11.10
N ALA A 35 -14.91 2.23 -10.97
CA ALA A 35 -14.78 3.12 -12.10
C ALA A 35 -13.67 4.12 -11.84
N VAL A 36 -12.87 4.39 -12.86
CA VAL A 36 -11.77 5.32 -12.74
C VAL A 36 -12.01 6.52 -13.63
N HIS A 37 -11.80 7.72 -13.08
CA HIS A 37 -12.09 8.96 -13.78
C HIS A 37 -10.86 9.84 -13.87
N ASP A 38 -10.61 10.35 -15.05
CA ASP A 38 -9.56 11.32 -15.27
C ASP A 38 -10.01 12.68 -14.74
N LEU A 39 -9.31 13.20 -13.74
CA LEU A 39 -9.63 14.51 -13.18
C LEU A 39 -9.71 15.60 -14.22
N ARG A 40 -8.96 15.46 -15.32
CA ARG A 40 -8.94 16.53 -16.30
C ARG A 40 -10.26 16.69 -17.03
N ARG A 41 -11.16 15.73 -16.90
CA ARG A 41 -12.54 15.87 -17.40
C ARG A 41 -13.23 17.12 -16.82
N TRP A 42 -12.80 17.53 -15.63
CA TRP A 42 -13.45 18.65 -14.93
C TRP A 42 -12.62 19.93 -14.93
N THR A 43 -11.55 19.98 -15.72
CA THR A 43 -10.81 21.24 -15.85
C THR A 43 -11.61 22.28 -16.63
N HIS A 44 -11.25 23.55 -16.44
CA HIS A 44 -12.03 24.67 -16.97
C HIS A 44 -11.45 25.27 -18.22
N ASP A 45 -10.21 24.92 -18.51
CA ASP A 45 -9.44 25.68 -19.48
C ASP A 45 -8.82 24.77 -20.53
N VAL A 46 -8.40 25.38 -21.64
CA VAL A 46 -7.93 24.58 -22.75
C VAL A 46 -6.59 23.92 -22.39
N HIS A 47 -5.90 24.45 -21.37
CA HIS A 47 -4.64 23.85 -20.92
C HIS A 47 -4.84 22.73 -19.90
N LYS A 48 -6.11 22.47 -19.55
CA LYS A 48 -6.49 21.37 -18.65
C LYS A 48 -5.69 21.45 -17.34
N SER A 49 -5.71 22.64 -16.76
CA SER A 49 -4.94 22.94 -15.56
C SER A 49 -5.55 22.29 -14.33
N VAL A 50 -4.75 21.52 -13.59
CA VAL A 50 -5.21 20.91 -12.35
C VAL A 50 -4.47 21.41 -11.11
N ASP A 51 -3.44 22.23 -11.30
CA ASP A 51 -2.61 22.68 -10.19
C ASP A 51 -2.27 24.15 -10.32
N ASP A 52 -1.80 24.74 -9.22
CA ASP A 52 -1.51 26.17 -9.16
C ASP A 52 -0.57 26.41 -7.97
N SER A 53 0.02 27.59 -7.88
CA SER A 53 1.03 27.85 -6.84
C SER A 53 0.43 27.92 -5.43
N PRO A 54 1.22 27.51 -4.42
CA PRO A 54 0.69 27.50 -3.05
C PRO A 54 0.62 28.88 -2.42
N TYR A 55 -0.51 29.21 -1.81
CA TYR A 55 -0.57 30.39 -0.97
C TYR A 55 0.38 30.21 0.20
N GLY A 56 1.10 31.29 0.53
CA GLY A 56 2.05 31.24 1.63
C GLY A 56 3.42 30.83 1.16
N GLY A 57 3.53 30.51 -0.12
CA GLY A 57 4.81 30.14 -0.70
C GLY A 57 5.20 28.71 -0.40
N GLY A 58 6.41 28.36 -0.79
CA GLY A 58 6.87 27.01 -0.57
C GLY A 58 7.07 26.29 -1.89
N PRO A 59 7.57 25.06 -1.81
CA PRO A 59 7.89 24.31 -3.02
C PRO A 59 6.65 23.64 -3.57
N GLY A 60 6.69 23.27 -4.83
CA GLY A 60 5.63 22.47 -5.40
C GLY A 60 4.38 23.24 -5.75
N MET A 61 3.36 22.48 -6.10
CA MET A 61 2.10 23.03 -6.55
C MET A 61 0.97 22.38 -5.77
N VAL A 62 -0.20 23.00 -5.81
CA VAL A 62 -1.36 22.52 -5.07
C VAL A 62 -2.49 22.28 -6.06
N MET A 63 -3.24 21.19 -5.90
CA MET A 63 -4.33 20.95 -6.85
C MET A 63 -5.50 21.89 -6.59
N LYS A 64 -6.08 22.36 -7.69
CA LYS A 64 -7.09 23.42 -7.68
C LYS A 64 -8.41 22.99 -7.06
N PRO A 65 -8.98 23.83 -6.18
CA PRO A 65 -10.25 23.48 -5.57
C PRO A 65 -11.42 23.50 -6.55
N THR A 66 -11.40 24.41 -7.53
CA THR A 66 -12.56 24.49 -8.42
C THR A 66 -12.71 23.24 -9.29
N VAL A 67 -11.59 22.67 -9.74
CA VAL A 67 -11.60 21.45 -10.53
C VAL A 67 -12.10 20.27 -9.70
N TRP A 68 -11.49 20.09 -8.53
CA TRP A 68 -11.89 19.00 -7.64
C TRP A 68 -13.34 19.14 -7.17
N GLY A 69 -13.75 20.37 -6.88
CA GLY A 69 -15.11 20.62 -6.45
C GLY A 69 -16.12 20.19 -7.48
N ASP A 70 -15.87 20.50 -8.75
CA ASP A 70 -16.77 20.07 -9.81
C ASP A 70 -16.80 18.54 -9.96
N ALA A 71 -15.62 17.91 -9.89
CA ALA A 71 -15.55 16.46 -10.03
C ALA A 71 -16.36 15.77 -8.93
N LEU A 72 -16.15 16.20 -7.70
CA LEU A 72 -16.83 15.57 -6.57
C LEU A 72 -18.33 15.88 -6.54
N ASP A 73 -18.70 17.08 -6.98
CA ASP A 73 -20.11 17.43 -7.11
C ASP A 73 -20.81 16.44 -8.03
N GLU A 74 -20.15 16.07 -9.11
CA GLU A 74 -20.78 15.18 -10.08
C GLU A 74 -20.84 13.74 -9.57
N ILE A 75 -19.77 13.29 -8.94
CA ILE A 75 -19.60 11.88 -8.58
C ILE A 75 -20.20 11.49 -7.23
N CYS A 76 -20.17 12.41 -6.26
CA CYS A 76 -20.60 12.06 -4.91
C CYS A 76 -22.08 12.25 -4.69
N THR A 77 -22.61 11.56 -3.69
CA THR A 77 -23.94 11.86 -3.19
C THR A 77 -23.84 11.97 -1.68
N SER A 78 -24.97 12.18 -1.01
CA SER A 78 -24.99 12.26 0.44
C SER A 78 -24.57 10.95 1.12
N GLU A 79 -24.60 9.86 0.37
CA GLU A 79 -24.33 8.56 0.95
C GLU A 79 -22.86 8.15 0.76
N THR A 80 -22.14 8.94 -0.03
CA THR A 80 -20.74 8.66 -0.34
C THR A 80 -19.84 8.74 0.87
N LEU A 81 -18.91 7.79 0.95
CA LEU A 81 -17.78 7.92 1.84
C LEU A 81 -16.59 8.37 1.01
N LEU A 82 -16.17 9.63 1.20
CA LEU A 82 -15.10 10.21 0.42
C LEU A 82 -13.78 9.93 1.11
N VAL A 83 -12.92 9.18 0.42
CA VAL A 83 -11.62 8.77 0.94
C VAL A 83 -10.53 9.60 0.27
N VAL A 84 -9.74 10.29 1.08
CA VAL A 84 -8.66 11.13 0.56
C VAL A 84 -7.33 10.66 1.10
N PRO A 85 -6.58 9.90 0.30
CA PRO A 85 -5.24 9.53 0.76
C PRO A 85 -4.37 10.76 0.98
N THR A 86 -3.58 10.72 2.03
CA THR A 86 -2.65 11.80 2.36
C THR A 86 -1.67 11.28 3.39
N PRO A 87 -0.40 11.69 3.27
CA PRO A 87 0.58 11.26 4.28
C PRO A 87 0.25 11.84 5.65
N ALA A 88 -0.62 12.85 5.71
CA ALA A 88 -1.04 13.47 6.96
C ALA A 88 -2.36 12.89 7.47
N GLY A 89 -2.78 11.76 6.91
CA GLY A 89 -4.06 11.18 7.28
C GLY A 89 -4.02 10.37 8.57
N TYR A 90 -5.21 10.07 9.09
CA TYR A 90 -5.37 9.03 10.10
C TYR A 90 -4.85 7.72 9.52
N PRO A 91 -4.32 6.82 10.36
CA PRO A 91 -3.84 5.55 9.81
C PRO A 91 -4.96 4.68 9.22
N PHE A 92 -4.75 4.22 8.00
CA PHE A 92 -5.61 3.20 7.40
C PHE A 92 -5.15 1.85 7.92
N THR A 93 -6.05 1.15 8.61
CA THR A 93 -5.71 -0.17 9.16
C THR A 93 -6.74 -1.19 8.75
N GLN A 94 -6.56 -2.42 9.20
CA GLN A 94 -7.53 -3.47 8.92
C GLN A 94 -8.90 -3.15 9.51
N GLU A 95 -8.91 -2.45 10.64
CA GLU A 95 -10.15 -2.00 11.24
C GLU A 95 -10.89 -1.08 10.28
N THR A 96 -10.14 -0.17 9.66
CA THR A 96 -10.70 0.74 8.66
C THR A 96 -11.26 -0.05 7.48
N ALA A 97 -10.50 -1.02 6.99
CA ALA A 97 -10.91 -1.80 5.83
C ALA A 97 -12.22 -2.52 6.13
N TRP A 98 -12.31 -3.09 7.33
CA TRP A 98 -13.53 -3.78 7.76
C TRP A 98 -14.70 -2.82 7.82
N GLN A 99 -14.50 -1.65 8.41
CA GLN A 99 -15.57 -0.65 8.47
C GLN A 99 -16.07 -0.28 7.08
N TRP A 100 -15.14 0.02 6.19
CA TRP A 100 -15.51 0.49 4.86
C TRP A 100 -16.09 -0.59 3.94
N SER A 101 -15.85 -1.87 4.27
CA SER A 101 -16.31 -2.96 3.41
C SER A 101 -17.83 -3.08 3.31
N THR A 102 -18.56 -2.43 4.22
CA THR A 102 -20.02 -2.49 4.15
C THR A 102 -20.62 -1.24 3.51
N GLU A 103 -19.77 -0.29 3.12
CA GLU A 103 -20.24 0.92 2.46
C GLU A 103 -20.83 0.65 1.07
N ASP A 104 -21.81 1.46 0.68
CA ASP A 104 -22.40 1.35 -0.66
C ASP A 104 -21.57 2.06 -1.72
N HIS A 105 -20.89 3.14 -1.32
CA HIS A 105 -20.23 3.99 -2.30
C HIS A 105 -18.99 4.64 -1.71
N LEU A 106 -17.82 4.25 -2.20
CA LEU A 106 -16.56 4.91 -1.86
C LEU A 106 -16.12 5.76 -3.04
N VAL A 107 -15.71 6.99 -2.76
CA VAL A 107 -15.07 7.81 -3.79
C VAL A 107 -13.67 8.10 -3.29
N ILE A 108 -12.66 7.76 -4.08
CA ILE A 108 -11.28 7.96 -3.66
C ILE A 108 -10.66 9.08 -4.49
N ALA A 109 -10.31 10.17 -3.81
CA ALA A 109 -9.77 11.36 -4.46
C ALA A 109 -8.26 11.31 -4.35
N CYS A 110 -7.61 11.03 -5.48
CA CYS A 110 -6.17 10.87 -5.51
C CYS A 110 -5.48 12.17 -5.81
N GLY A 111 -4.72 12.70 -4.86
CA GLY A 111 -3.94 13.91 -5.13
C GLY A 111 -2.58 13.61 -5.73
N ARG A 112 -1.96 14.67 -6.23
CA ARG A 112 -0.57 14.70 -6.66
C ARG A 112 0.05 16.00 -6.17
N TYR A 113 1.36 16.16 -6.40
CA TYR A 113 2.08 17.39 -6.05
C TYR A 113 2.01 17.60 -4.55
N GLU A 114 1.69 18.78 -4.06
CA GLU A 114 1.65 18.96 -2.61
C GLU A 114 0.38 18.41 -2.00
N GLY A 115 -0.60 18.10 -2.84
CA GLY A 115 -1.89 17.61 -2.41
C GLY A 115 -3.01 18.49 -2.92
N ILE A 116 -4.19 18.30 -2.35
CA ILE A 116 -5.38 19.01 -2.79
C ILE A 116 -5.68 20.18 -1.87
N ASP A 117 -6.06 21.33 -2.42
CA ASP A 117 -6.51 22.46 -1.60
C ASP A 117 -7.44 21.96 -0.49
N GLN A 118 -7.16 22.33 0.75
CA GLN A 118 -7.87 21.75 1.90
C GLN A 118 -9.37 22.06 1.87
N ARG A 119 -9.76 23.13 1.19
CA ARG A 119 -11.18 23.47 1.18
C ARG A 119 -12.02 22.43 0.45
N VAL A 120 -11.40 21.64 -0.42
CA VAL A 120 -12.16 20.58 -1.09
C VAL A 120 -12.73 19.58 -0.09
N ALA A 121 -11.85 19.03 0.75
CA ALA A 121 -12.30 18.09 1.77
C ALA A 121 -13.20 18.76 2.80
N ASP A 122 -12.83 19.98 3.20
CA ASP A 122 -13.60 20.68 4.23
C ASP A 122 -15.03 20.99 3.73
N ASP A 123 -15.15 21.41 2.46
CA ASP A 123 -16.47 21.63 1.89
C ASP A 123 -17.24 20.31 1.73
N ALA A 124 -16.58 19.27 1.21
CA ALA A 124 -17.25 17.99 1.06
C ALA A 124 -17.79 17.49 2.41
N ALA A 125 -17.03 17.71 3.48
CA ALA A 125 -17.39 17.20 4.79
C ALA A 125 -18.66 17.84 5.35
N THR A 126 -19.10 18.96 4.77
CA THR A 126 -20.38 19.55 5.22
C THR A 126 -21.60 18.83 4.62
N ARG A 127 -21.41 17.90 3.70
CA ARG A 127 -22.58 17.19 3.16
C ARG A 127 -22.38 15.68 2.97
N MET A 128 -21.20 15.18 3.31
CA MET A 128 -20.95 13.75 3.23
C MET A 128 -19.85 13.38 4.24
N ARG A 129 -19.64 12.09 4.47
CA ARG A 129 -18.56 11.66 5.34
C ARG A 129 -17.24 11.66 4.58
N VAL A 130 -16.23 12.26 5.18
CA VAL A 130 -14.92 12.38 4.56
C VAL A 130 -13.86 11.75 5.47
N ARG A 131 -12.93 11.01 4.87
CA ARG A 131 -11.88 10.32 5.63
C ARG A 131 -10.52 10.56 4.99
N GLU A 132 -9.69 11.35 5.66
CA GLU A 132 -8.31 11.55 5.24
C GLU A 132 -7.46 10.47 5.89
N VAL A 133 -6.82 9.62 5.08
CA VAL A 133 -6.07 8.49 5.64
C VAL A 133 -4.73 8.29 4.97
N SER A 134 -3.82 7.66 5.71
CA SER A 134 -2.52 7.29 5.20
C SER A 134 -2.30 5.79 5.29
N ILE A 135 -1.73 5.19 4.24
CA ILE A 135 -1.49 3.74 4.26
C ILE A 135 -0.16 3.34 4.93
N GLY A 136 0.65 4.32 5.35
CA GLY A 136 1.89 3.98 6.03
C GLY A 136 2.86 5.13 6.14
N ASP A 137 3.94 4.91 6.91
CA ASP A 137 4.87 6.01 7.24
C ASP A 137 6.02 6.07 6.26
N TYR A 138 5.67 6.39 5.03
CA TYR A 138 6.62 6.60 3.94
C TYR A 138 5.95 7.59 3.02
N VAL A 139 6.73 8.18 2.13
CA VAL A 139 6.25 9.23 1.26
C VAL A 139 6.13 8.70 -0.16
N LEU A 140 4.95 8.89 -0.76
CA LEU A 140 4.70 8.55 -2.15
C LEU A 140 4.59 9.81 -3.00
N ASN A 141 4.48 9.64 -4.31
CA ASN A 141 4.31 10.78 -5.23
C ASN A 141 2.88 11.28 -5.30
N GLY A 142 1.92 10.46 -4.88
CA GLY A 142 0.52 10.85 -4.97
C GLY A 142 -0.35 9.76 -4.39
N GLY A 143 -1.67 9.92 -4.52
CA GLY A 143 -2.59 9.01 -3.87
C GLY A 143 -2.89 7.69 -4.57
N GLU A 144 -2.43 7.53 -5.80
CA GLU A 144 -2.83 6.36 -6.60
C GLU A 144 -2.39 5.03 -6.00
N ALA A 145 -1.13 4.93 -5.56
CA ALA A 145 -0.69 3.67 -4.97
C ALA A 145 -1.46 3.39 -3.68
N ALA A 146 -1.79 4.44 -2.94
CA ALA A 146 -2.60 4.30 -1.75
C ALA A 146 -4.00 3.80 -2.11
N ALA A 147 -4.57 4.33 -3.20
CA ALA A 147 -5.88 3.89 -3.66
C ALA A 147 -5.85 2.41 -3.98
N LEU A 148 -4.78 1.93 -4.63
CA LEU A 148 -4.68 0.51 -4.98
C LEU A 148 -4.71 -0.35 -3.73
N VAL A 149 -3.94 0.06 -2.72
CA VAL A 149 -3.87 -0.68 -1.47
C VAL A 149 -5.22 -0.69 -0.76
N ILE A 150 -5.85 0.48 -0.65
CA ILE A 150 -7.15 0.59 0.02
C ILE A 150 -8.21 -0.23 -0.70
N ILE A 151 -8.25 -0.16 -2.03
CA ILE A 151 -9.24 -0.93 -2.79
C ILE A 151 -9.05 -2.41 -2.54
N GLU A 152 -7.80 -2.88 -2.63
CA GLU A 152 -7.56 -4.29 -2.43
C GLU A 152 -7.94 -4.73 -1.00
N ALA A 153 -7.52 -3.97 0.01
CA ALA A 153 -7.79 -4.34 1.40
C ALA A 153 -9.28 -4.34 1.73
N VAL A 154 -10.01 -3.39 1.15
CA VAL A 154 -11.44 -3.29 1.39
C VAL A 154 -12.20 -4.36 0.63
N LEU A 155 -11.92 -4.53 -0.66
CA LEU A 155 -12.76 -5.39 -1.49
C LEU A 155 -12.62 -6.87 -1.13
N ARG A 156 -11.45 -7.28 -0.65
CA ARG A 156 -11.29 -8.68 -0.28
C ARG A 156 -12.14 -9.02 0.95
N LEU A 157 -12.67 -8.00 1.62
CA LEU A 157 -13.55 -8.20 2.77
C LEU A 157 -15.03 -8.14 2.40
N VAL A 158 -15.31 -7.78 1.15
CA VAL A 158 -16.69 -7.77 0.68
C VAL A 158 -17.07 -9.19 0.28
N PRO A 159 -18.12 -9.72 0.92
CA PRO A 159 -18.61 -11.08 0.66
C PRO A 159 -18.87 -11.31 -0.82
N GLY A 160 -18.20 -12.30 -1.39
CA GLY A 160 -18.42 -12.65 -2.79
C GLY A 160 -17.26 -12.29 -3.67
N VAL A 161 -16.64 -11.16 -3.36
CA VAL A 161 -15.57 -10.65 -4.19
C VAL A 161 -14.35 -11.58 -4.12
N LEU A 162 -14.14 -12.19 -2.96
CA LEU A 162 -13.08 -13.17 -2.81
C LEU A 162 -13.51 -14.52 -3.38
N GLY A 163 -14.77 -14.88 -3.17
CA GLY A 163 -15.35 -16.04 -3.82
C GLY A 163 -15.50 -17.28 -2.95
N ASN A 164 -15.00 -18.39 -3.48
CA ASN A 164 -15.26 -19.76 -3.01
C ASN A 164 -16.68 -20.20 -3.38
N ALA A 165 -17.38 -19.32 -4.11
CA ALA A 165 -18.73 -19.57 -4.60
C ALA A 165 -19.65 -20.10 -3.52
N SER A 179 -2.65 -8.16 18.90
CA SER A 179 -2.60 -9.33 18.03
C SER A 179 -1.16 -9.76 17.78
N LEU A 180 -1.02 -10.91 17.12
CA LEU A 180 0.29 -11.48 16.85
C LEU A 180 0.51 -11.64 15.34
N LEU A 181 1.77 -11.64 14.93
CA LEU A 181 2.13 -11.88 13.54
C LEU A 181 2.02 -13.34 13.17
N GLU A 182 1.67 -13.62 11.92
CA GLU A 182 1.68 -14.99 11.44
C GLU A 182 3.11 -15.52 11.41
N GLY A 183 3.27 -16.79 11.78
CA GLY A 183 4.57 -17.43 11.71
C GLY A 183 4.86 -18.00 10.33
N PRO A 184 5.93 -18.77 10.23
CA PRO A 184 6.40 -19.31 8.94
C PRO A 184 5.52 -20.43 8.44
N SER A 185 5.46 -20.55 7.11
CA SER A 185 4.69 -21.62 6.47
CA SER A 185 4.71 -21.64 6.49
C SER A 185 5.64 -22.51 5.66
N TYR A 186 5.26 -23.78 5.49
CA TYR A 186 6.08 -24.73 4.76
C TYR A 186 5.22 -25.64 3.90
N THR A 187 5.76 -26.05 2.75
CA THR A 187 5.12 -27.10 1.96
C THR A 187 6.20 -28.03 1.39
N ARG A 188 5.79 -28.94 0.51
CA ARG A 188 6.72 -29.90 -0.07
CA ARG A 188 6.73 -29.91 -0.05
C ARG A 188 7.81 -29.22 -0.87
N PRO A 189 9.02 -29.82 -0.93
CA PRO A 189 9.45 -31.08 -0.33
C PRO A 189 9.85 -30.94 1.14
N PRO A 190 9.85 -32.05 1.89
CA PRO A 190 10.19 -32.00 3.32
C PRO A 190 11.63 -31.55 3.59
N SER A 191 12.52 -31.78 2.64
CA SER A 191 13.89 -31.27 2.73
CA SER A 191 13.90 -31.31 2.72
C SER A 191 14.26 -30.55 1.45
N TRP A 192 14.81 -29.35 1.58
CA TRP A 192 15.17 -28.54 0.41
C TRP A 192 16.40 -27.71 0.71
N ARG A 193 17.44 -27.87 -0.11
CA ARG A 193 18.71 -27.17 0.07
C ARG A 193 19.24 -27.26 1.51
N GLY A 194 19.15 -28.46 2.08
CA GLY A 194 19.68 -28.74 3.40
C GLY A 194 18.79 -28.27 4.54
N MET A 195 17.61 -27.76 4.20
CA MET A 195 16.70 -27.26 5.21
C MET A 195 15.45 -28.12 5.30
N ASP A 196 15.24 -28.71 6.48
CA ASP A 196 14.10 -29.56 6.74
C ASP A 196 12.92 -28.75 7.27
N VAL A 197 11.73 -29.11 6.82
CA VAL A 197 10.52 -28.61 7.45
C VAL A 197 10.56 -29.02 8.92
N PRO A 198 10.22 -28.10 9.84
CA PRO A 198 10.20 -28.45 11.27
C PRO A 198 9.42 -29.75 11.53
N PRO A 199 10.08 -30.75 12.13
CA PRO A 199 9.47 -32.07 12.26
C PRO A 199 8.13 -32.09 13.00
N VAL A 200 7.94 -31.16 13.93
CA VAL A 200 6.68 -31.11 14.67
C VAL A 200 5.47 -31.02 13.71
N LEU A 201 5.66 -30.37 12.56
CA LEU A 201 4.56 -30.17 11.62
C LEU A 201 4.13 -31.48 10.96
N LEU A 202 5.01 -32.48 10.98
CA LEU A 202 4.68 -33.75 10.36
C LEU A 202 4.35 -34.80 11.41
N SER A 203 4.20 -34.36 12.66
CA SER A 203 4.08 -35.26 13.80
C SER A 203 2.68 -35.82 14.05
N GLY A 204 1.66 -35.18 13.50
CA GLY A 204 0.29 -35.59 13.76
C GLY A 204 -0.16 -35.30 15.19
N ASP A 205 0.62 -34.49 15.89
CA ASP A 205 0.24 -34.03 17.21
C ASP A 205 -0.29 -32.60 17.05
N HIS A 206 -1.58 -32.46 16.82
CA HIS A 206 -2.08 -31.17 16.37
C HIS A 206 -2.16 -30.16 17.52
N ALA A 207 -2.25 -30.63 18.76
CA ALA A 207 -2.16 -29.71 19.89
C ALA A 207 -0.76 -29.15 20.00
N LYS A 208 0.24 -30.01 19.82
CA LYS A 208 1.63 -29.55 19.88
C LYS A 208 1.95 -28.63 18.71
N ILE A 209 1.42 -28.94 17.53
CA ILE A 209 1.62 -28.08 16.36
C ILE A 209 1.07 -26.69 16.63
N ALA A 210 -0.13 -26.62 17.21
CA ALA A 210 -0.73 -25.30 17.50
C ALA A 210 0.11 -24.51 18.50
N ALA A 211 0.67 -25.20 19.49
CA ALA A 211 1.54 -24.54 20.46
C ALA A 211 2.83 -24.06 19.83
N TRP A 212 3.40 -24.88 18.94
CA TRP A 212 4.61 -24.50 18.22
C TRP A 212 4.34 -23.26 17.37
N ARG A 213 3.22 -23.25 16.68
CA ARG A 213 2.89 -22.10 15.85
C ARG A 213 2.67 -20.86 16.70
N ALA A 214 2.02 -21.02 17.85
CA ALA A 214 1.79 -19.89 18.74
C ALA A 214 3.13 -19.30 19.19
N GLU A 215 4.09 -20.15 19.53
CA GLU A 215 5.40 -19.68 19.99
C GLU A 215 6.18 -19.00 18.85
N GLN A 216 6.07 -19.54 17.64
CA GLN A 216 6.72 -18.90 16.50
C GLN A 216 6.15 -17.50 16.29
N SER A 217 4.84 -17.38 16.42
CA SER A 217 4.15 -16.11 16.28
CA SER A 217 4.16 -16.10 16.27
C SER A 217 4.59 -15.13 17.37
N ARG A 218 4.66 -15.63 18.60
CA ARG A 218 5.12 -14.83 19.72
C ARG A 218 6.54 -14.29 19.48
N GLN A 219 7.46 -15.16 19.08
CA GLN A 219 8.84 -14.76 18.84
C GLN A 219 8.94 -13.73 17.72
N ARG A 220 8.23 -13.98 16.63
CA ARG A 220 8.29 -13.08 15.48
C ARG A 220 7.73 -11.70 15.84
N THR A 221 6.68 -11.67 16.66
CA THR A 221 6.06 -10.40 17.05
C THR A 221 7.04 -9.61 17.93
N ILE A 222 7.66 -10.28 18.90
CA ILE A 222 8.68 -9.64 19.74
C ILE A 222 9.84 -9.06 18.92
N GLU A 223 10.34 -9.83 17.95
CA GLU A 223 11.47 -9.42 17.14
C GLU A 223 11.13 -8.32 16.14
N ARG A 224 10.00 -8.46 15.46
CA ARG A 224 9.70 -7.57 14.34
C ARG A 224 8.74 -6.45 14.69
N ARG A 225 7.84 -6.69 15.64
CA ARG A 225 6.81 -5.71 15.98
C ARG A 225 6.57 -5.57 17.48
N PRO A 226 7.60 -5.18 18.25
CA PRO A 226 7.40 -5.04 19.69
C PRO A 226 6.32 -4.01 20.05
N ASP A 227 6.02 -3.11 19.12
CA ASP A 227 4.98 -2.11 19.31
C ASP A 227 3.59 -2.74 19.50
N LEU A 228 3.41 -3.95 19.01
CA LEU A 228 2.14 -4.65 19.14
C LEU A 228 2.00 -5.27 20.52
N LEU A 229 3.08 -5.24 21.30
CA LEU A 229 3.07 -5.73 22.67
C LEU A 229 3.31 -4.58 23.64
N SER B 2 22.08 4.84 -9.54
CA SER B 2 21.83 3.75 -10.48
C SER B 2 21.26 2.53 -9.77
N MET B 3 20.05 2.14 -10.15
CA MET B 3 19.39 1.01 -9.51
C MET B 3 18.65 0.12 -10.50
N LYS B 4 18.78 -1.18 -10.30
CA LYS B 4 17.98 -2.15 -11.03
C LYS B 4 16.98 -2.78 -10.06
N ILE B 5 15.71 -2.86 -10.47
CA ILE B 5 14.70 -3.54 -9.68
C ILE B 5 14.06 -4.66 -10.49
N ASP B 6 14.15 -5.88 -9.96
CA ASP B 6 13.44 -7.02 -10.54
C ASP B 6 12.29 -7.41 -9.62
N VAL B 7 11.11 -7.57 -10.20
CA VAL B 7 9.94 -8.01 -9.45
C VAL B 7 9.51 -9.39 -9.96
N VAL B 8 9.34 -10.34 -9.04
CA VAL B 8 8.92 -11.67 -9.40
C VAL B 8 7.53 -11.94 -8.85
N THR B 9 6.64 -12.42 -9.71
CA THR B 9 5.22 -12.49 -9.40
C THR B 9 4.50 -13.48 -10.31
N ILE B 10 3.40 -14.08 -9.85
CA ILE B 10 2.57 -14.87 -10.75
C ILE B 10 1.51 -14.00 -11.42
N PHE B 11 1.48 -12.73 -11.07
CA PHE B 11 0.61 -11.76 -11.76
C PHE B 11 1.38 -10.56 -12.31
N PRO B 12 2.21 -10.79 -13.34
CA PRO B 12 3.00 -9.69 -13.91
C PRO B 12 2.13 -8.55 -14.41
N GLU B 13 0.91 -8.84 -14.84
CA GLU B 13 -0.03 -7.82 -15.33
C GLU B 13 -0.32 -6.77 -14.26
N TYR B 14 -0.31 -7.18 -12.99
CA TYR B 14 -0.60 -6.25 -11.89
C TYR B 14 0.50 -5.21 -11.69
N LEU B 15 1.67 -5.44 -12.25
CA LEU B 15 2.80 -4.53 -12.05
C LEU B 15 2.88 -3.46 -13.13
N GLN B 16 1.93 -3.48 -14.06
CA GLN B 16 1.87 -2.49 -15.14
C GLN B 16 2.00 -0.99 -14.72
N PRO B 17 1.48 -0.61 -13.53
CA PRO B 17 1.64 0.80 -13.15
C PRO B 17 3.07 1.34 -13.03
N VAL B 18 4.09 0.52 -13.24
CA VAL B 18 5.46 1.05 -13.28
C VAL B 18 5.84 1.43 -14.71
N GLY B 30 16.62 6.37 -16.90
CA GLY B 30 18.01 6.17 -17.26
C GLY B 30 18.85 5.73 -16.07
N LEU B 31 18.59 6.33 -14.92
CA LEU B 31 19.31 5.99 -13.70
C LEU B 31 18.72 4.73 -13.06
N VAL B 32 17.56 4.30 -13.56
CA VAL B 32 16.86 3.18 -12.96
C VAL B 32 16.05 2.35 -13.96
N ASP B 33 16.09 1.04 -13.80
CA ASP B 33 15.32 0.11 -14.61
C ASP B 33 14.50 -0.83 -13.74
N VAL B 34 13.27 -1.11 -14.17
CA VAL B 34 12.40 -2.04 -13.44
C VAL B 34 11.95 -3.14 -14.38
N ALA B 35 12.24 -4.40 -14.01
CA ALA B 35 11.81 -5.53 -14.82
C ALA B 35 10.87 -6.44 -14.03
N VAL B 36 9.84 -6.94 -14.70
CA VAL B 36 8.84 -7.79 -14.07
C VAL B 36 8.92 -9.20 -14.64
N HIS B 37 8.98 -10.20 -13.77
CA HIS B 37 9.13 -11.59 -14.18
C HIS B 37 7.97 -12.46 -13.71
N ASP B 38 7.44 -13.26 -14.64
CA ASP B 38 6.45 -14.28 -14.33
C ASP B 38 7.13 -15.46 -13.65
N LEU B 39 6.77 -15.74 -12.40
CA LEU B 39 7.38 -16.83 -11.66
C LEU B 39 7.22 -18.18 -12.36
N ARG B 40 6.13 -18.32 -13.12
CA ARG B 40 5.84 -19.59 -13.79
C ARG B 40 6.84 -19.93 -14.89
N ARG B 41 7.64 -18.94 -15.31
CA ARG B 41 8.72 -19.21 -16.27
C ARG B 41 9.69 -20.26 -15.75
N TRP B 42 9.80 -20.40 -14.43
CA TRP B 42 10.74 -21.32 -13.83
C TRP B 42 10.11 -22.65 -13.41
N THR B 43 8.88 -22.89 -13.84
CA THR B 43 8.23 -24.18 -13.57
C THR B 43 8.59 -25.19 -14.64
N HIS B 44 8.39 -26.47 -14.36
CA HIS B 44 8.73 -27.52 -15.31
C HIS B 44 7.50 -28.31 -15.77
N ASP B 45 6.61 -28.63 -14.83
CA ASP B 45 5.45 -29.47 -15.11
C ASP B 45 4.48 -28.77 -16.06
N VAL B 46 3.54 -29.55 -16.61
CA VAL B 46 2.60 -29.05 -17.61
C VAL B 46 1.59 -28.07 -17.03
N HIS B 47 1.26 -28.26 -15.76
CA HIS B 47 0.27 -27.39 -15.10
C HIS B 47 0.92 -26.12 -14.55
N LYS B 48 2.25 -26.05 -14.61
CA LYS B 48 3.01 -24.91 -14.10
C LYS B 48 2.63 -24.59 -12.66
N SER B 49 2.75 -25.58 -11.78
CA SER B 49 2.24 -25.45 -10.42
C SER B 49 3.24 -24.78 -9.48
N VAL B 50 2.80 -23.72 -8.81
CA VAL B 50 3.69 -22.97 -7.93
C VAL B 50 3.35 -23.14 -6.45
N ASP B 51 2.27 -23.85 -6.15
CA ASP B 51 1.80 -23.95 -4.76
C ASP B 51 1.38 -25.36 -4.37
N ASP B 52 1.31 -25.59 -3.07
CA ASP B 52 0.92 -26.89 -2.52
C ASP B 52 0.36 -26.66 -1.11
N SER B 53 -0.31 -27.67 -0.56
CA SER B 53 -0.92 -27.55 0.74
C SER B 53 0.12 -27.42 1.86
N PRO B 54 -0.24 -26.75 2.96
CA PRO B 54 0.75 -26.52 4.03
C PRO B 54 1.04 -27.75 4.85
N TYR B 55 2.31 -27.94 5.20
CA TYR B 55 2.64 -28.89 6.23
C TYR B 55 2.08 -28.43 7.58
N GLY B 56 1.55 -29.36 8.35
CA GLY B 56 1.04 -29.02 9.66
C GLY B 56 -0.41 -28.59 9.67
N GLY B 57 -1.00 -28.49 8.48
CA GLY B 57 -2.40 -28.12 8.38
C GLY B 57 -2.64 -26.63 8.28
N GLY B 58 -3.90 -26.27 8.14
CA GLY B 58 -4.26 -24.87 8.01
C GLY B 58 -4.97 -24.65 6.69
N PRO B 59 -5.57 -23.47 6.54
CA PRO B 59 -6.29 -23.17 5.31
C PRO B 59 -5.33 -22.74 4.21
N GLY B 60 -5.74 -22.93 2.97
CA GLY B 60 -5.04 -22.33 1.86
C GLY B 60 -3.83 -23.09 1.37
N MET B 61 -3.02 -22.38 0.61
CA MET B 61 -1.87 -22.97 -0.06
C MET B 61 -0.62 -22.17 0.22
N VAL B 62 0.52 -22.80 0.03
CA VAL B 62 1.83 -22.20 0.26
C VAL B 62 2.62 -22.28 -1.03
N MET B 63 3.34 -21.21 -1.37
CA MET B 63 4.13 -21.27 -2.58
C MET B 63 5.37 -22.16 -2.35
N LYS B 64 5.61 -23.06 -3.31
CA LYS B 64 6.70 -24.03 -3.24
C LYS B 64 8.07 -23.37 -3.26
N PRO B 65 9.01 -23.89 -2.47
CA PRO B 65 10.36 -23.30 -2.46
C PRO B 65 11.14 -23.58 -3.74
N THR B 66 10.88 -24.72 -4.39
CA THR B 66 11.67 -25.13 -5.55
C THR B 66 11.64 -24.11 -6.68
N VAL B 67 10.44 -23.69 -7.07
CA VAL B 67 10.29 -22.73 -8.16
C VAL B 67 10.92 -21.37 -7.81
N TRP B 68 10.68 -20.92 -6.59
CA TRP B 68 11.29 -19.68 -6.13
C TRP B 68 12.81 -19.75 -6.14
N GLY B 69 13.36 -20.87 -5.68
CA GLY B 69 14.79 -21.07 -5.63
C GLY B 69 15.41 -20.94 -7.02
N ASP B 70 14.77 -21.56 -8.00
CA ASP B 70 15.29 -21.51 -9.37
C ASP B 70 15.21 -20.07 -9.91
N ALA B 71 14.11 -19.40 -9.65
CA ALA B 71 13.95 -18.01 -10.12
C ALA B 71 15.01 -17.10 -9.51
N LEU B 72 15.18 -17.18 -8.20
CA LEU B 72 16.09 -16.29 -7.49
C LEU B 72 17.54 -16.63 -7.81
N ASP B 73 17.82 -17.92 -8.06
CA ASP B 73 19.17 -18.32 -8.49
C ASP B 73 19.58 -17.56 -9.74
N GLU B 74 18.64 -17.43 -10.67
CA GLU B 74 18.91 -16.78 -11.95
C GLU B 74 18.98 -15.26 -11.85
N ILE B 75 18.12 -14.68 -11.02
CA ILE B 75 17.99 -13.22 -10.97
C ILE B 75 18.94 -12.56 -9.96
N CYS B 76 19.20 -13.22 -8.84
CA CYS B 76 19.95 -12.60 -7.75
C CYS B 76 21.45 -12.86 -7.82
N THR B 77 22.21 -11.93 -7.24
CA THR B 77 23.63 -12.15 -6.95
C THR B 77 23.82 -11.89 -5.47
N SER B 78 25.05 -12.05 -4.97
CA SER B 78 25.33 -11.83 -3.56
C SER B 78 25.18 -10.35 -3.17
N GLU B 79 25.14 -9.46 -4.15
CA GLU B 79 24.99 -8.03 -3.90
C GLU B 79 23.53 -7.61 -3.81
N THR B 80 22.64 -8.49 -4.27
CA THR B 80 21.20 -8.22 -4.30
C THR B 80 20.62 -7.99 -2.92
N LEU B 81 19.71 -7.02 -2.81
CA LEU B 81 18.87 -6.92 -1.63
C LEU B 81 17.53 -7.56 -1.97
N LEU B 82 17.25 -8.69 -1.34
CA LEU B 82 16.01 -9.41 -1.59
C LEU B 82 14.95 -8.90 -0.65
N VAL B 83 13.90 -8.33 -1.25
CA VAL B 83 12.77 -7.75 -0.53
C VAL B 83 11.58 -8.71 -0.64
N VAL B 84 11.04 -9.08 0.51
CA VAL B 84 9.91 -10.02 0.55
C VAL B 84 8.76 -9.38 1.31
N PRO B 85 7.78 -8.83 0.59
CA PRO B 85 6.61 -8.29 1.29
C PRO B 85 5.88 -9.38 2.05
N THR B 86 5.45 -9.05 3.26
CA THR B 86 4.68 -9.97 4.09
C THR B 86 4.01 -9.18 5.22
N PRO B 87 2.76 -9.52 5.56
CA PRO B 87 2.13 -8.79 6.67
C PRO B 87 2.83 -9.03 8.00
N ALA B 88 3.65 -10.07 8.06
CA ALA B 88 4.42 -10.36 9.26
C ALA B 88 5.83 -9.79 9.19
N GLY B 89 6.06 -8.86 8.28
CA GLY B 89 7.40 -8.28 8.11
C GLY B 89 7.75 -7.19 9.11
N TYR B 90 9.03 -6.82 9.14
CA TYR B 90 9.42 -5.59 9.81
C TYR B 90 8.73 -4.42 9.08
N PRO B 91 8.40 -3.33 9.78
CA PRO B 91 7.75 -2.22 9.07
C PRO B 91 8.64 -1.58 8.00
N PHE B 92 8.05 -1.38 6.82
CA PHE B 92 8.68 -0.59 5.78
C PHE B 92 8.31 0.85 6.05
N THR B 93 9.31 1.69 6.32
CA THR B 93 9.09 3.10 6.62
C THR B 93 9.95 4.00 5.73
N GLN B 94 9.83 5.31 5.89
CA GLN B 94 10.65 6.24 5.11
C GLN B 94 12.14 6.01 5.38
N GLU B 95 12.47 5.61 6.60
CA GLU B 95 13.86 5.27 6.90
C GLU B 95 14.30 4.10 6.03
N THR B 96 13.45 3.09 5.89
CA THR B 96 13.78 1.98 5.01
C THR B 96 13.95 2.42 3.57
N ALA B 97 13.08 3.31 3.10
CA ALA B 97 13.16 3.79 1.74
C ALA B 97 14.50 4.51 1.52
N TRP B 98 14.91 5.36 2.46
CA TRP B 98 16.22 6.01 2.35
C TRP B 98 17.35 4.99 2.30
N GLN B 99 17.27 3.97 3.16
CA GLN B 99 18.33 2.96 3.21
C GLN B 99 18.43 2.24 1.87
N TRP B 100 17.29 1.91 1.28
CA TRP B 100 17.31 1.12 0.05
C TRP B 100 17.59 1.98 -1.19
N SER B 101 17.47 3.31 -1.07
CA SER B 101 17.64 4.21 -2.21
C SER B 101 19.04 4.19 -2.82
N THR B 102 20.01 3.69 -2.06
CA THR B 102 21.39 3.68 -2.59
C THR B 102 21.83 2.28 -2.99
N GLU B 103 20.89 1.35 -3.03
CA GLU B 103 21.20 -0.01 -3.47
C GLU B 103 21.36 -0.10 -4.99
N ASP B 104 22.20 -1.03 -5.43
CA ASP B 104 22.38 -1.29 -6.86
C ASP B 104 21.28 -2.17 -7.42
N HIS B 105 20.77 -3.09 -6.59
CA HIS B 105 19.88 -4.11 -7.11
C HIS B 105 18.88 -4.58 -6.07
N LEU B 106 17.61 -4.27 -6.28
CA LEU B 106 16.53 -4.82 -5.46
C LEU B 106 15.80 -5.90 -6.22
N VAL B 107 15.56 -7.03 -5.55
CA VAL B 107 14.66 -8.04 -6.12
C VAL B 107 13.48 -8.19 -5.18
N ILE B 108 12.27 -7.99 -5.69
CA ILE B 108 11.09 -8.04 -4.85
C ILE B 108 10.32 -9.32 -5.19
N ALA B 109 10.25 -10.21 -4.21
CA ALA B 109 9.60 -11.51 -4.37
C ALA B 109 8.17 -11.41 -3.87
N CYS B 110 7.20 -11.38 -4.79
CA CYS B 110 5.80 -11.23 -4.40
C CYS B 110 5.12 -12.55 -4.22
N GLY B 111 4.63 -12.79 -3.01
CA GLY B 111 3.87 -14.01 -2.75
C GLY B 111 2.39 -13.83 -3.01
N ARG B 112 1.71 -14.97 -3.03
CA ARG B 112 0.27 -15.06 -3.13
C ARG B 112 -0.13 -16.20 -2.20
N TYR B 113 -1.43 -16.48 -2.13
CA TYR B 113 -1.98 -17.51 -1.23
C TYR B 113 -1.57 -17.22 0.21
N GLU B 114 -1.12 -18.22 0.96
CA GLU B 114 -0.76 -17.97 2.34
C GLU B 114 0.66 -17.43 2.46
N GLY B 115 1.36 -17.36 1.33
CA GLY B 115 2.72 -16.85 1.34
C GLY B 115 3.70 -17.85 0.74
N ILE B 116 4.98 -17.55 0.91
CA ILE B 116 6.07 -18.33 0.36
C ILE B 116 6.68 -19.19 1.45
N ASP B 117 6.97 -20.46 1.14
CA ASP B 117 7.72 -21.35 2.04
C ASP B 117 8.88 -20.60 2.67
N GLN B 118 8.97 -20.63 3.99
CA GLN B 118 9.96 -19.84 4.74
C GLN B 118 11.39 -20.18 4.34
N ARG B 119 11.62 -21.36 3.79
CA ARG B 119 12.99 -21.71 3.45
C ARG B 119 13.53 -20.90 2.26
N VAL B 120 12.66 -20.29 1.47
CA VAL B 120 13.11 -19.47 0.36
C VAL B 120 13.92 -18.30 0.90
N ALA B 121 13.35 -17.58 1.86
CA ALA B 121 14.05 -16.45 2.47
C ALA B 121 15.27 -16.95 3.27
N ASP B 122 15.13 -18.07 3.96
CA ASP B 122 16.22 -18.55 4.81
C ASP B 122 17.41 -19.01 3.96
N ASP B 123 17.14 -19.72 2.88
CA ASP B 123 18.19 -20.11 1.93
C ASP B 123 18.86 -18.89 1.30
N ALA B 124 18.05 -17.94 0.87
CA ALA B 124 18.59 -16.74 0.23
C ALA B 124 19.51 -15.99 1.18
N ALA B 125 19.17 -16.00 2.46
CA ALA B 125 19.92 -15.23 3.44
C ALA B 125 21.32 -15.79 3.66
N THR B 126 21.57 -17.01 3.19
CA THR B 126 22.91 -17.58 3.29
C THR B 126 23.85 -17.02 2.25
N ARG B 127 23.32 -16.29 1.27
CA ARG B 127 24.18 -15.75 0.22
C ARG B 127 23.91 -14.30 -0.13
N MET B 128 22.82 -13.73 0.36
CA MET B 128 22.53 -12.31 0.12
C MET B 128 21.79 -11.73 1.30
N ARG B 129 21.60 -10.40 1.29
CA ARG B 129 20.80 -9.75 2.32
C ARG B 129 19.32 -9.89 1.98
N VAL B 130 18.53 -10.24 3.00
CA VAL B 130 17.11 -10.47 2.82
C VAL B 130 16.32 -9.61 3.79
N ARG B 131 15.24 -9.01 3.29
CA ARG B 131 14.41 -8.12 4.10
C ARG B 131 12.95 -8.48 3.94
N GLU B 132 12.37 -9.03 5.01
CA GLU B 132 10.93 -9.28 5.06
C GLU B 132 10.27 -8.05 5.67
N VAL B 133 9.41 -7.41 4.90
CA VAL B 133 8.81 -6.15 5.34
C VAL B 133 7.34 -6.06 5.03
N SER B 134 6.65 -5.25 5.83
CA SER B 134 5.23 -4.96 5.63
CA SER B 134 5.23 -4.98 5.61
C SER B 134 5.00 -3.49 5.37
N ILE B 135 4.14 -3.16 4.42
CA ILE B 135 3.86 -1.75 4.16
C ILE B 135 2.78 -1.16 5.06
N GLY B 136 2.16 -1.97 5.91
CA GLY B 136 1.15 -1.41 6.81
C GLY B 136 0.28 -2.47 7.45
N ASP B 137 -0.52 -2.04 8.42
CA ASP B 137 -1.28 -2.98 9.23
C ASP B 137 -2.68 -3.20 8.67
N TYR B 138 -2.70 -3.87 7.53
CA TYR B 138 -3.91 -4.28 6.81
C TYR B 138 -3.53 -5.50 6.01
N VAL B 139 -4.52 -6.24 5.52
CA VAL B 139 -4.28 -7.48 4.79
C VAL B 139 -4.56 -7.32 3.31
N LEU B 140 -3.58 -7.72 2.49
CA LEU B 140 -3.70 -7.75 1.05
C LEU B 140 -3.82 -9.18 0.56
N ASN B 141 -4.09 -9.35 -0.73
CA ASN B 141 -4.14 -10.69 -1.31
C ASN B 141 -2.78 -11.23 -1.71
N GLY B 142 -1.78 -10.35 -1.77
CA GLY B 142 -0.47 -10.77 -2.21
C GLY B 142 0.50 -9.61 -2.16
N GLY B 143 1.74 -9.87 -2.56
CA GLY B 143 2.80 -8.88 -2.45
C GLY B 143 2.85 -7.79 -3.51
N GLU B 144 2.07 -7.93 -4.58
CA GLU B 144 2.16 -7.02 -5.72
C GLU B 144 1.87 -5.55 -5.38
N ALA B 145 0.79 -5.27 -4.66
CA ALA B 145 0.51 -3.89 -4.31
C ALA B 145 1.59 -3.32 -3.39
N ALA B 146 2.10 -4.16 -2.50
CA ALA B 146 3.22 -3.76 -1.65
C ALA B 146 4.46 -3.43 -2.48
N ALA B 147 4.73 -4.25 -3.49
CA ALA B 147 5.84 -3.97 -4.42
C ALA B 147 5.70 -2.60 -5.05
N LEU B 148 4.49 -2.27 -5.52
CA LEU B 148 4.26 -0.97 -6.16
C LEU B 148 4.55 0.19 -5.19
N VAL B 149 4.12 0.03 -3.95
CA VAL B 149 4.34 1.05 -2.93
C VAL B 149 5.83 1.21 -2.64
N ILE B 150 6.52 0.09 -2.46
CA ILE B 150 7.93 0.10 -2.12
C ILE B 150 8.74 0.72 -3.25
N ILE B 151 8.43 0.32 -4.48
CA ILE B 151 9.14 0.88 -5.64
C ILE B 151 8.93 2.39 -5.73
N GLU B 152 7.71 2.86 -5.56
CA GLU B 152 7.46 4.28 -5.65
C GLU B 152 8.21 5.05 -4.54
N ALA B 153 8.16 4.55 -3.31
CA ALA B 153 8.79 5.25 -2.20
C ALA B 153 10.31 5.28 -2.32
N VAL B 154 10.88 4.22 -2.86
CA VAL B 154 12.33 4.13 -3.02
C VAL B 154 12.83 4.94 -4.20
N LEU B 155 12.20 4.78 -5.36
CA LEU B 155 12.72 5.39 -6.59
C LEU B 155 12.74 6.89 -6.53
N ARG B 156 11.83 7.50 -5.78
CA ARG B 156 11.80 8.95 -5.74
C ARG B 156 12.96 9.53 -4.89
N LEU B 157 13.68 8.64 -4.18
CA LEU B 157 14.81 9.02 -3.34
C LEU B 157 16.16 8.73 -3.98
N VAL B 158 16.17 7.98 -5.07
CA VAL B 158 17.41 7.58 -5.73
C VAL B 158 18.13 8.84 -6.21
N PRO B 159 19.44 8.94 -5.92
CA PRO B 159 20.21 10.13 -6.33
C PRO B 159 20.02 10.45 -7.81
N GLY B 160 19.59 11.67 -8.10
CA GLY B 160 19.35 12.07 -9.47
C GLY B 160 17.93 11.89 -9.95
N VAL B 161 17.01 11.55 -9.05
CA VAL B 161 15.59 11.45 -9.38
C VAL B 161 14.78 12.55 -8.71
N SER B 179 8.23 12.90 12.16
CA SER B 179 8.26 14.00 13.12
C SER B 179 6.89 14.67 13.28
N LEU B 180 6.46 15.36 12.23
CA LEU B 180 5.20 16.08 12.27
C LEU B 180 4.48 15.88 10.95
N LEU B 181 3.16 15.78 11.00
CA LEU B 181 2.36 15.63 9.79
C LEU B 181 2.32 16.94 9.01
N GLU B 182 2.27 16.82 7.69
CA GLU B 182 2.05 17.97 6.80
C GLU B 182 0.77 18.68 7.16
N GLY B 183 0.78 20.01 7.14
CA GLY B 183 -0.43 20.77 7.34
C GLY B 183 -1.14 20.97 6.01
N PRO B 184 -2.22 21.75 6.03
CA PRO B 184 -3.06 21.98 4.84
C PRO B 184 -2.40 22.88 3.81
N SER B 185 -2.76 22.69 2.55
CA SER B 185 -2.29 23.52 1.45
C SER B 185 -3.47 24.22 0.79
N TYR B 186 -3.20 25.38 0.18
CA TYR B 186 -4.22 26.19 -0.47
C TYR B 186 -3.69 26.83 -1.74
N THR B 187 -4.57 27.01 -2.71
CA THR B 187 -4.21 27.80 -3.88
C THR B 187 -5.42 28.63 -4.33
N ARG B 188 -5.33 29.27 -5.49
CA ARG B 188 -6.35 30.22 -5.92
C ARG B 188 -7.67 29.53 -6.28
N PRO B 189 -8.82 30.22 -6.11
CA PRO B 189 -9.01 31.60 -5.65
C PRO B 189 -8.97 31.73 -4.13
N PRO B 190 -8.72 32.95 -3.63
CA PRO B 190 -8.57 33.14 -2.19
C PRO B 190 -9.89 32.93 -1.42
N SER B 191 -11.01 33.04 -2.14
CA SER B 191 -12.31 32.71 -1.58
CA SER B 191 -12.31 32.70 -1.59
C SER B 191 -12.99 31.74 -2.52
N TRP B 192 -13.49 30.63 -1.98
CA TRP B 192 -14.15 29.61 -2.82
C TRP B 192 -15.32 29.01 -2.04
N ARG B 193 -16.51 29.08 -2.62
CA ARG B 193 -17.74 28.62 -1.97
C ARG B 193 -17.92 29.25 -0.60
N GLY B 194 -17.42 30.48 -0.43
CA GLY B 194 -17.52 31.16 0.85
C GLY B 194 -16.54 30.67 1.89
N MET B 195 -15.56 29.88 1.46
CA MET B 195 -14.46 29.45 2.32
C MET B 195 -13.18 30.20 1.94
N ASP B 196 -12.60 30.87 2.92
CA ASP B 196 -11.41 31.67 2.70
C ASP B 196 -10.12 30.91 2.99
N VAL B 197 -9.12 31.15 2.14
CA VAL B 197 -7.77 30.76 2.46
C VAL B 197 -7.39 31.52 3.74
N PRO B 198 -6.81 30.82 4.72
CA PRO B 198 -6.39 31.50 5.96
C PRO B 198 -5.61 32.77 5.63
N PRO B 199 -6.08 33.92 6.15
CA PRO B 199 -5.52 35.23 5.76
C PRO B 199 -4.01 35.35 5.98
N VAL B 200 -3.46 34.65 6.97
CA VAL B 200 -2.02 34.72 7.22
C VAL B 200 -1.24 34.29 5.97
N LEU B 201 -1.78 33.35 5.20
CA LEU B 201 -1.07 32.85 4.03
C LEU B 201 -1.00 33.88 2.90
N LEU B 202 -1.84 34.92 3.01
CA LEU B 202 -1.82 36.02 2.06
C LEU B 202 -1.04 37.22 2.57
N SER B 203 -0.56 37.14 3.81
CA SER B 203 0.04 38.30 4.48
C SER B 203 1.45 38.63 3.96
N GLY B 204 2.12 37.65 3.37
CA GLY B 204 3.49 37.83 2.94
C GLY B 204 4.51 37.79 4.07
N ASP B 205 4.03 37.52 5.28
CA ASP B 205 4.90 37.46 6.46
C ASP B 205 5.43 36.04 6.66
N HIS B 206 6.68 35.81 6.26
CA HIS B 206 7.29 34.48 6.32
C HIS B 206 7.27 33.86 7.72
N ALA B 207 7.60 34.66 8.73
CA ALA B 207 7.65 34.18 10.09
C ALA B 207 6.26 33.78 10.59
N LYS B 208 5.27 34.63 10.32
CA LYS B 208 3.91 34.34 10.73
C LYS B 208 3.34 33.13 9.98
N ILE B 209 3.69 33.00 8.71
CA ILE B 209 3.23 31.86 7.93
C ILE B 209 3.88 30.58 8.45
N ALA B 210 5.20 30.62 8.69
CA ALA B 210 5.89 29.46 9.24
C ALA B 210 5.28 29.02 10.58
N ALA B 211 4.93 30.00 11.42
CA ALA B 211 4.37 29.70 12.73
C ALA B 211 2.98 29.08 12.62
N TRP B 212 2.16 29.64 11.74
CA TRP B 212 0.82 29.14 11.55
C TRP B 212 0.86 27.71 11.01
N ARG B 213 1.77 27.47 10.06
CA ARG B 213 1.92 26.14 9.47
C ARG B 213 2.39 25.12 10.51
N ALA B 214 3.30 25.53 11.37
CA ALA B 214 3.78 24.66 12.45
C ALA B 214 2.64 24.30 13.40
N GLU B 215 1.78 25.27 13.70
CA GLU B 215 0.65 25.04 14.57
C GLU B 215 -0.38 24.09 13.95
N GLN B 216 -0.62 24.22 12.64
CA GLN B 216 -1.58 23.33 12.00
C GLN B 216 -1.04 21.91 12.01
N SER B 217 0.26 21.80 11.76
CA SER B 217 0.95 20.52 11.79
CA SER B 217 0.91 20.50 11.79
C SER B 217 0.86 19.88 13.17
N ARG B 218 1.04 20.70 14.21
CA ARG B 218 0.97 20.18 15.57
C ARG B 218 -0.44 19.68 15.89
N GLN B 219 -1.45 20.48 15.56
CA GLN B 219 -2.84 20.09 15.75
C GLN B 219 -3.14 18.76 15.08
N ARG B 220 -2.74 18.65 13.82
CA ARG B 220 -2.95 17.46 13.03
C ARG B 220 -2.28 16.23 13.60
N THR B 221 -1.02 16.42 14.02
CA THR B 221 -0.25 15.28 14.51
C THR B 221 -0.83 14.79 15.84
N ILE B 222 -1.14 15.70 16.75
CA ILE B 222 -1.79 15.33 18.00
C ILE B 222 -3.11 14.59 17.78
N GLU B 223 -3.90 15.08 16.84
CA GLU B 223 -5.22 14.52 16.59
C GLU B 223 -5.15 13.17 15.87
N ARG B 224 -4.29 13.09 14.86
CA ARG B 224 -4.30 11.93 13.96
C ARG B 224 -3.20 10.92 14.20
N ARG B 225 -2.04 11.39 14.66
CA ARG B 225 -0.88 10.53 14.86
C ARG B 225 -0.16 10.84 16.15
N PRO B 226 -0.86 10.74 17.29
CA PRO B 226 -0.23 11.12 18.55
C PRO B 226 1.00 10.26 18.87
N ASP B 227 1.07 9.06 18.30
CA ASP B 227 2.23 8.20 18.50
C ASP B 227 3.51 8.85 18.02
N LEU B 228 3.43 9.70 17.00
CA LEU B 228 4.62 10.36 16.45
C LEU B 228 5.24 11.33 17.45
N LEU B 229 4.46 11.78 18.40
CA LEU B 229 4.96 12.71 19.41
C LEU B 229 5.07 12.01 20.75
N GLY B 230 5.00 10.69 20.74
CA GLY B 230 5.19 9.91 21.96
C GLY B 230 3.99 9.85 22.88
N PHE B 231 2.78 9.92 22.31
CA PHE B 231 1.57 9.74 23.10
C PHE B 231 0.85 8.45 22.75
N ASP B 232 -0.04 8.02 23.64
CA ASP B 232 -0.84 6.82 23.44
C ASP B 232 -1.69 6.92 22.18
N SER B 233 -1.76 5.83 21.43
CA SER B 233 -2.65 5.75 20.29
C SER B 233 -4.10 5.66 20.76
N PRO B 234 -5.03 6.26 20.00
CA PRO B 234 -6.46 6.33 20.36
C PRO B 234 -7.07 4.97 20.67
#